data_4OD7
#
_entry.id   4OD7
#
_cell.length_a   74.056
_cell.length_b   74.056
_cell.length_c   93.270
_cell.angle_alpha   90.00
_cell.angle_beta   90.00
_cell.angle_gamma   120.00
#
_symmetry.space_group_name_H-M   'P 32'
#
loop_
_entity.id
_entity.type
_entity.pdbx_description
1 polymer 'Thiol:disulfide interchange protein'
2 polymer '(ACE)PWATCDS(NH2) Peptide'
3 non-polymer 'THIOCYANATE ION'
4 water water
#
loop_
_entity_poly.entity_id
_entity_poly.type
_entity_poly.pdbx_seq_one_letter_code
_entity_poly.pdbx_strand_id
1 'polypeptide(L)'
;SNADISEGKQYTNLSKPVAGAPQVVEFFSFYSPHCYQFSEVYKVNSTVEKNVPENTKMARYHVDFLGPLGKEMTRAWAVA
IALGVEDQVSPALFKGIQETQSIRSVDDIRTTFINAGVKAEDYDAAINSFVVNSLVSQQQNAVTDFQINGVPAMVIDGKY
KMKNDGISAKSPEEYAKAYSDVVNQLLMKK
;
A,B,C
2 'polypeptide(L)' (ACE)PWATCDS(NH2) D,E,F
#
loop_
_chem_comp.id
_chem_comp.type
_chem_comp.name
_chem_comp.formula
ACE non-polymer 'ACETYL GROUP' 'C2 H4 O'
NH2 non-polymer 'AMINO GROUP' 'H2 N'
SCN non-polymer 'THIOCYANATE ION' 'C N S -1'
#
# COMPACT_ATOMS: atom_id res chain seq x y z
N ALA A 3 -7.92 -35.31 -7.68
CA ALA A 3 -7.69 -36.65 -7.05
C ALA A 3 -9.03 -37.32 -6.87
N ASP A 4 -9.06 -38.49 -6.23
CA ASP A 4 -10.31 -39.24 -6.09
C ASP A 4 -11.10 -38.54 -5.04
N ILE A 5 -12.41 -38.41 -5.25
CA ILE A 5 -13.18 -37.77 -4.20
C ILE A 5 -13.98 -38.91 -3.59
N SER A 6 -13.96 -39.02 -2.26
CA SER A 6 -14.71 -40.05 -1.56
C SER A 6 -15.34 -39.40 -0.34
N GLU A 7 -16.50 -39.89 0.05
CA GLU A 7 -17.18 -39.33 1.19
C GLU A 7 -16.24 -39.55 2.38
N GLY A 8 -16.22 -38.56 3.28
CA GLY A 8 -15.37 -38.60 4.47
C GLY A 8 -13.95 -38.08 4.27
N LYS A 9 -13.51 -37.93 3.02
CA LYS A 9 -12.17 -37.42 2.77
C LYS A 9 -12.19 -35.92 2.49
N GLN A 10 -12.62 -35.53 1.31
CA GLN A 10 -12.68 -34.12 0.98
C GLN A 10 -14.04 -33.54 1.35
N TYR A 11 -14.96 -34.34 1.88
CA TYR A 11 -16.31 -33.83 2.19
C TYR A 11 -17.06 -34.83 3.04
N THR A 12 -18.20 -34.43 3.60
CA THR A 12 -19.07 -35.34 4.34
C THR A 12 -20.51 -35.10 3.91
N ASN A 13 -21.41 -36.06 4.15
CA ASN A 13 -22.82 -35.91 3.74
C ASN A 13 -23.62 -35.15 4.79
N LEU A 14 -24.46 -34.19 4.42
CA LEU A 14 -25.33 -33.61 5.43
C LEU A 14 -26.28 -34.69 5.89
N SER A 15 -26.54 -34.77 7.19
CA SER A 15 -27.47 -35.78 7.72
C SER A 15 -28.95 -35.48 7.35
N LYS A 16 -29.29 -34.22 7.14
CA LYS A 16 -30.64 -33.84 6.70
C LYS A 16 -30.54 -32.76 5.64
N PRO A 17 -30.50 -33.15 4.38
CA PRO A 17 -30.21 -32.20 3.30
C PRO A 17 -31.21 -31.10 3.16
N VAL A 18 -30.80 -30.04 2.47
CA VAL A 18 -31.65 -28.87 2.29
C VAL A 18 -32.06 -28.73 0.82
N ALA A 19 -33.36 -28.81 0.63
CA ALA A 19 -34.00 -28.68 -0.68
C ALA A 19 -34.14 -27.25 -1.13
N GLY A 20 -33.96 -27.04 -2.43
CA GLY A 20 -34.09 -25.71 -3.00
C GLY A 20 -33.14 -24.74 -2.37
N ALA A 21 -31.96 -25.27 -2.06
CA ALA A 21 -30.84 -24.45 -1.64
C ALA A 21 -30.08 -24.07 -2.88
N PRO A 22 -29.35 -22.96 -2.83
CA PRO A 22 -28.40 -22.65 -3.89
C PRO A 22 -27.41 -23.80 -4.13
N GLN A 23 -26.76 -23.86 -5.30
CA GLN A 23 -25.85 -25.00 -5.60
C GLN A 23 -24.59 -24.93 -4.67
N VAL A 24 -24.15 -23.71 -4.38
CA VAL A 24 -23.08 -23.48 -3.40
C VAL A 24 -23.50 -22.45 -2.31
N VAL A 25 -23.45 -22.84 -1.04
CA VAL A 25 -23.71 -21.92 0.07
C VAL A 25 -22.46 -21.81 0.97
N GLU A 26 -21.93 -20.60 1.05
CA GLU A 26 -20.79 -20.20 1.87
C GLU A 26 -21.30 -19.61 3.22
N PHE A 27 -20.66 -19.99 4.32
CA PHE A 27 -20.96 -19.47 5.65
C PHE A 27 -19.68 -18.85 6.26
N PHE A 28 -19.79 -17.64 6.76
CA PHE A 28 -18.62 -16.92 7.29
C PHE A 28 -19.04 -15.97 8.38
N SER A 29 -18.04 -15.42 9.06
CA SER A 29 -18.22 -14.34 10.00
C SER A 29 -17.09 -13.31 9.82
N PHE A 30 -17.44 -12.05 9.90
CA PHE A 30 -16.46 -10.99 9.86
C PHE A 30 -15.59 -11.02 11.09
N TYR A 31 -16.05 -11.73 12.12
CA TYR A 31 -15.28 -11.89 13.37
C TYR A 31 -14.25 -13.00 13.38
N SER A 32 -14.35 -13.91 12.43
CA SER A 32 -13.58 -15.12 12.36
C SER A 32 -12.20 -14.92 11.70
N PRO A 33 -11.11 -15.16 12.45
CA PRO A 33 -9.83 -15.04 11.79
C PRO A 33 -9.66 -16.04 10.67
N HIS A 34 -10.19 -17.23 10.82
CA HIS A 34 -10.14 -18.20 9.74
C HIS A 34 -10.91 -17.72 8.49
N CYS A 35 -12.03 -17.05 8.64
CA CYS A 35 -12.73 -16.56 7.48
C CYS A 35 -11.92 -15.49 6.74
N TYR A 36 -11.26 -14.64 7.49
CA TYR A 36 -10.43 -13.62 6.88
C TYR A 36 -9.30 -14.27 6.12
N GLN A 37 -8.63 -15.15 6.83
CA GLN A 37 -7.58 -15.90 6.21
C GLN A 37 -8.04 -16.64 4.89
N PHE A 38 -9.18 -17.32 4.92
CA PHE A 38 -9.73 -18.13 3.83
C PHE A 38 -10.11 -17.28 2.60
N SER A 39 -10.84 -16.19 2.85
CA SER A 39 -11.40 -15.43 1.74
C SER A 39 -10.58 -14.19 1.37
N GLU A 40 -9.97 -13.48 2.32
CA GLU A 40 -9.30 -12.22 2.00
C GLU A 40 -7.85 -12.38 1.67
N VAL A 41 -7.20 -13.37 2.28
CA VAL A 41 -5.76 -13.63 2.04
C VAL A 41 -5.57 -14.71 0.98
N TYR A 42 -6.09 -15.91 1.24
CA TYR A 42 -5.92 -17.03 0.33
C TYR A 42 -6.89 -16.96 -0.86
N LYS A 43 -8.02 -16.25 -0.68
CA LYS A 43 -9.01 -16.09 -1.73
C LYS A 43 -9.57 -17.43 -2.22
N VAL A 44 -9.88 -18.34 -1.31
CA VAL A 44 -10.34 -19.65 -1.73
C VAL A 44 -11.75 -19.51 -2.27
N ASN A 45 -12.64 -18.79 -1.59
CA ASN A 45 -14.01 -18.65 -2.14
C ASN A 45 -14.06 -17.91 -3.47
N SER A 46 -13.19 -16.94 -3.64
CA SER A 46 -13.16 -16.21 -4.88
C SER A 46 -12.56 -17.07 -6.01
N THR A 47 -11.56 -17.88 -5.75
CA THR A 47 -11.04 -18.81 -6.76
C THR A 47 -12.15 -19.76 -7.20
N VAL A 48 -12.91 -20.21 -6.20
CA VAL A 48 -14.02 -21.12 -6.40
C VAL A 48 -15.13 -20.49 -7.25
N GLU A 49 -15.49 -19.26 -6.91
CA GLU A 49 -16.53 -18.56 -7.61
C GLU A 49 -16.13 -18.34 -9.07
N LYS A 50 -14.84 -18.13 -9.32
CA LYS A 50 -14.33 -17.92 -10.67
C LYS A 50 -14.31 -19.18 -11.55
N ASN A 51 -14.34 -20.36 -10.93
CA ASN A 51 -14.07 -21.61 -11.64
C ASN A 51 -15.27 -22.53 -11.78
N VAL A 52 -16.37 -22.21 -11.13
CA VAL A 52 -17.58 -23.03 -11.23
C VAL A 52 -18.21 -22.89 -12.64
N PRO A 53 -19.06 -23.84 -13.03
CA PRO A 53 -19.78 -23.71 -14.29
C PRO A 53 -20.60 -22.41 -14.37
N GLU A 54 -20.82 -21.89 -15.57
CA GLU A 54 -21.63 -20.69 -15.76
C GLU A 54 -23.04 -20.97 -15.28
N ASN A 55 -23.70 -19.97 -14.70
CA ASN A 55 -25.06 -20.07 -14.15
C ASN A 55 -25.15 -20.86 -12.85
N THR A 56 -24.05 -21.13 -12.22
CA THR A 56 -24.12 -21.84 -10.97
C THR A 56 -24.74 -20.91 -9.91
N LYS A 57 -25.80 -21.37 -9.22
CA LYS A 57 -26.48 -20.55 -8.22
C LYS A 57 -25.65 -20.52 -6.95
N MET A 58 -25.13 -19.35 -6.60
CA MET A 58 -24.23 -19.17 -5.45
C MET A 58 -24.89 -18.34 -4.34
N ALA A 59 -24.43 -18.55 -3.11
CA ALA A 59 -24.86 -17.77 -1.96
C ALA A 59 -23.68 -17.67 -0.96
N ARG A 60 -23.65 -16.57 -0.21
CA ARG A 60 -22.67 -16.32 0.86
C ARG A 60 -23.42 -15.73 2.00
N TYR A 61 -23.51 -16.44 3.12
CA TYR A 61 -24.30 -16.05 4.28
C TYR A 61 -23.41 -15.77 5.48
N HIS A 62 -23.78 -14.74 6.24
CA HIS A 62 -23.08 -14.38 7.48
C HIS A 62 -23.77 -15.05 8.68
N VAL A 63 -22.95 -15.43 9.66
CA VAL A 63 -23.46 -16.09 10.84
C VAL A 63 -23.55 -15.13 12.05
N ASP A 64 -24.52 -15.37 12.92
CA ASP A 64 -24.77 -14.50 14.05
C ASP A 64 -23.94 -14.84 15.24
N PHE A 65 -23.40 -16.05 15.26
CA PHE A 65 -22.96 -16.64 16.51
C PHE A 65 -21.55 -16.29 16.95
N LEU A 66 -20.81 -15.55 16.14
CA LEU A 66 -19.54 -15.04 16.59
C LEU A 66 -19.64 -13.54 16.81
N GLY A 67 -19.05 -13.08 17.91
CA GLY A 67 -18.81 -11.68 18.12
C GLY A 67 -19.97 -11.01 18.80
N PRO A 68 -19.72 -9.91 19.51
CA PRO A 68 -20.81 -9.20 20.19
C PRO A 68 -21.85 -8.65 19.23
N LEU A 69 -21.40 -8.22 18.04
CA LEU A 69 -22.31 -7.67 17.05
C LEU A 69 -22.56 -8.63 15.87
N GLY A 70 -22.53 -9.93 16.17
CA GLY A 70 -22.70 -10.98 15.18
C GLY A 70 -23.92 -10.68 14.36
N LYS A 71 -25.05 -10.53 15.04
CA LYS A 71 -26.28 -10.43 14.31
C LYS A 71 -26.39 -9.06 13.62
N GLU A 72 -25.76 -8.05 14.18
CA GLU A 72 -25.74 -6.75 13.56
C GLU A 72 -24.89 -6.82 12.33
N MET A 73 -23.88 -7.70 12.34
CA MET A 73 -23.00 -7.86 11.22
C MET A 73 -23.63 -8.70 10.14
N THR A 74 -24.52 -9.59 10.54
CA THR A 74 -25.31 -10.32 9.58
C THR A 74 -26.24 -9.41 8.79
N ARG A 75 -26.83 -8.43 9.46
CA ARG A 75 -27.66 -7.42 8.77
C ARG A 75 -26.79 -6.53 7.85
N ALA A 76 -25.59 -6.14 8.30
CA ALA A 76 -24.62 -5.41 7.48
C ALA A 76 -24.34 -6.17 6.19
N TRP A 77 -24.16 -7.46 6.30
CA TRP A 77 -23.85 -8.23 5.12
C TRP A 77 -25.07 -8.26 4.19
N ALA A 78 -26.26 -8.38 4.75
CA ALA A 78 -27.51 -8.25 3.97
C ALA A 78 -27.58 -6.88 3.24
N VAL A 79 -27.19 -5.80 3.92
CA VAL A 79 -27.15 -4.47 3.29
C VAL A 79 -26.15 -4.49 2.13
N ALA A 80 -25.00 -5.12 2.34
CA ALA A 80 -23.96 -5.17 1.33
C ALA A 80 -24.48 -5.86 0.07
N ILE A 81 -25.21 -6.96 0.28
CA ILE A 81 -25.84 -7.72 -0.79
C ILE A 81 -26.88 -6.87 -1.48
N ALA A 82 -27.74 -6.24 -0.70
CA ALA A 82 -28.82 -5.44 -1.26
C ALA A 82 -28.29 -4.27 -2.12
N LEU A 83 -27.20 -3.65 -1.67
CA LEU A 83 -26.62 -2.50 -2.39
C LEU A 83 -25.66 -2.99 -3.45
N GLY A 84 -25.29 -4.27 -3.39
CA GLY A 84 -24.38 -4.88 -4.33
C GLY A 84 -22.97 -4.38 -4.16
N VAL A 85 -22.57 -4.11 -2.93
CA VAL A 85 -21.26 -3.51 -2.66
C VAL A 85 -20.36 -4.42 -1.82
N GLU A 86 -20.61 -5.72 -1.93
CA GLU A 86 -19.89 -6.75 -1.21
C GLU A 86 -18.38 -6.55 -1.34
N ASP A 87 -17.90 -6.42 -2.56
CA ASP A 87 -16.47 -6.31 -2.78
C ASP A 87 -15.81 -5.08 -2.19
N GLN A 88 -16.57 -4.00 -2.12
CA GLN A 88 -16.11 -2.73 -1.59
C GLN A 88 -16.07 -2.69 -0.06
N VAL A 89 -17.06 -3.27 0.63
CA VAL A 89 -17.16 -3.12 2.08
C VAL A 89 -16.58 -4.33 2.78
N SER A 90 -16.59 -5.48 2.11
CA SER A 90 -16.12 -6.71 2.74
C SER A 90 -14.70 -6.53 3.33
N PRO A 91 -13.71 -6.02 2.57
CA PRO A 91 -12.41 -5.82 3.20
C PRO A 91 -12.44 -4.87 4.40
N ALA A 92 -13.25 -3.82 4.31
CA ALA A 92 -13.34 -2.79 5.39
C ALA A 92 -14.02 -3.31 6.67
N LEU A 93 -14.95 -4.24 6.50
CA LEU A 93 -15.66 -4.80 7.60
C LEU A 93 -14.76 -5.78 8.32
N PHE A 94 -14.06 -6.60 7.57
CA PHE A 94 -13.05 -7.47 8.19
C PHE A 94 -12.01 -6.63 8.95
N LYS A 95 -11.51 -5.61 8.28
CA LYS A 95 -10.50 -4.75 8.87
C LYS A 95 -11.00 -4.07 10.15
N GLY A 96 -12.20 -3.51 10.10
CA GLY A 96 -12.71 -2.79 11.23
C GLY A 96 -12.99 -3.69 12.39
N ILE A 97 -13.32 -4.94 12.13
CA ILE A 97 -13.52 -5.88 13.22
C ILE A 97 -12.15 -6.38 13.73
N GLN A 98 -11.33 -6.87 12.83
CA GLN A 98 -10.18 -7.63 13.25
C GLN A 98 -8.86 -6.93 13.31
N GLU A 99 -8.69 -5.88 12.54
CA GLU A 99 -7.40 -5.22 12.38
C GLU A 99 -7.30 -4.01 13.30
N THR A 100 -8.28 -3.13 13.20
CA THR A 100 -8.25 -1.90 13.97
C THR A 100 -9.22 -1.96 15.13
N GLN A 101 -10.15 -2.90 15.12
CA GLN A 101 -11.21 -2.92 16.13
C GLN A 101 -11.81 -1.54 16.31
N SER A 102 -12.09 -0.91 15.19
CA SER A 102 -12.71 0.37 15.19
C SER A 102 -14.26 0.29 15.12
N ILE A 103 -14.77 -0.90 14.81
CA ILE A 103 -16.21 -1.11 14.68
C ILE A 103 -16.69 -1.57 16.03
N ARG A 104 -17.29 -0.61 16.74
CA ARG A 104 -17.75 -0.76 18.11
C ARG A 104 -19.24 -0.78 18.25
N SER A 105 -19.94 -0.17 17.30
CA SER A 105 -21.39 0.02 17.43
C SER A 105 -22.05 -0.05 16.06
N VAL A 106 -23.38 -0.06 16.01
CA VAL A 106 -24.05 -0.10 14.72
C VAL A 106 -23.74 1.22 13.97
N ASP A 107 -23.53 2.34 14.67
CA ASP A 107 -23.18 3.55 13.95
C ASP A 107 -21.86 3.38 13.23
N ASP A 108 -20.93 2.68 13.84
CA ASP A 108 -19.66 2.38 13.19
C ASP A 108 -19.79 1.52 11.94
N ILE A 109 -20.71 0.58 11.96
CA ILE A 109 -21.00 -0.20 10.76
C ILE A 109 -21.45 0.76 9.66
N ARG A 110 -22.41 1.61 9.98
CA ARG A 110 -22.86 2.65 9.05
C ARG A 110 -21.72 3.53 8.52
N THR A 111 -20.86 4.01 9.41
CA THR A 111 -19.71 4.84 8.99
C THR A 111 -18.83 4.08 8.05
N THR A 112 -18.64 2.78 8.29
CA THR A 112 -17.84 1.92 7.43
C THR A 112 -18.35 1.84 5.98
N PHE A 113 -19.64 1.63 5.83
CA PHE A 113 -20.28 1.61 4.52
C PHE A 113 -20.05 2.97 3.81
N ILE A 114 -20.30 4.08 4.53
CA ILE A 114 -20.14 5.43 3.95
C ILE A 114 -18.69 5.70 3.52
N ASN A 115 -17.69 5.27 4.30
CA ASN A 115 -16.30 5.43 3.88
C ASN A 115 -15.88 4.54 2.72
N ALA A 116 -16.63 3.45 2.51
CA ALA A 116 -16.47 2.59 1.34
C ALA A 116 -17.31 3.09 0.14
N GLY A 117 -17.80 4.34 0.22
CA GLY A 117 -18.49 4.99 -0.88
C GLY A 117 -20.00 4.86 -1.01
N VAL A 118 -20.59 4.13 -0.08
CA VAL A 118 -22.03 4.00 -0.04
C VAL A 118 -22.68 5.32 0.45
N LYS A 119 -23.74 5.74 -0.22
CA LYS A 119 -24.44 6.93 0.15
C LYS A 119 -25.18 6.71 1.42
N ALA A 120 -24.99 7.60 2.37
CA ALA A 120 -25.65 7.50 3.66
C ALA A 120 -27.14 7.28 3.46
N GLU A 121 -27.73 7.98 2.49
CA GLU A 121 -29.17 7.93 2.34
C GLU A 121 -29.58 6.54 1.84
N ASP A 122 -28.79 5.89 0.99
CA ASP A 122 -29.13 4.54 0.52
C ASP A 122 -29.04 3.50 1.65
N TYR A 123 -27.97 3.64 2.44
CA TYR A 123 -27.78 2.78 3.57
C TYR A 123 -28.97 2.93 4.47
N ASP A 124 -29.42 4.15 4.74
CA ASP A 124 -30.52 4.33 5.69
C ASP A 124 -31.82 3.76 5.18
N ALA A 125 -31.99 3.80 3.87
CA ALA A 125 -33.18 3.25 3.21
C ALA A 125 -33.15 1.73 3.26
N ALA A 126 -31.98 1.17 3.01
CA ALA A 126 -31.80 -0.27 2.90
C ALA A 126 -31.86 -1.00 4.26
N ILE A 127 -31.28 -0.43 5.32
CA ILE A 127 -30.91 -1.20 6.50
C ILE A 127 -32.10 -1.93 7.17
N ASN A 128 -33.30 -1.33 7.17
CA ASN A 128 -34.47 -2.02 7.70
C ASN A 128 -35.53 -2.24 6.62
N SER A 129 -35.08 -2.29 5.38
CA SER A 129 -35.96 -2.59 4.27
C SER A 129 -36.44 -4.03 4.31
N PHE A 130 -37.59 -4.27 3.68
CA PHE A 130 -38.12 -5.59 3.48
C PHE A 130 -37.09 -6.48 2.86
N VAL A 131 -36.41 -5.98 1.83
CA VAL A 131 -35.41 -6.82 1.17
C VAL A 131 -34.26 -7.24 2.13
N VAL A 132 -33.79 -6.32 2.95
CA VAL A 132 -32.71 -6.59 3.86
C VAL A 132 -33.26 -7.48 4.95
N ASN A 133 -34.48 -7.20 5.41
CA ASN A 133 -35.13 -8.10 6.36
C ASN A 133 -35.24 -9.55 5.85
N SER A 134 -35.62 -9.73 4.59
CA SER A 134 -35.70 -11.04 3.97
C SER A 134 -34.36 -11.71 3.88
N LEU A 135 -33.33 -10.95 3.52
CA LEU A 135 -31.97 -11.50 3.46
C LEU A 135 -31.48 -11.94 4.84
N VAL A 136 -31.84 -11.21 5.88
CA VAL A 136 -31.41 -11.58 7.22
C VAL A 136 -32.04 -12.93 7.56
N SER A 137 -33.35 -13.05 7.31
CA SER A 137 -34.10 -14.29 7.56
C SER A 137 -33.49 -15.42 6.77
N GLN A 138 -33.15 -15.13 5.52
CA GLN A 138 -32.56 -16.14 4.63
C GLN A 138 -31.28 -16.73 5.21
N GLN A 139 -30.44 -15.86 5.75
CA GLN A 139 -29.15 -16.25 6.35
C GLN A 139 -29.32 -17.09 7.60
N GLN A 140 -30.15 -16.57 8.51
CA GLN A 140 -30.36 -17.16 9.79
C GLN A 140 -30.96 -18.54 9.65
N ASN A 141 -31.90 -18.72 8.71
CA ASN A 141 -32.52 -20.01 8.43
C ASN A 141 -31.59 -20.96 7.79
N ALA A 142 -30.69 -20.44 6.96
CA ALA A 142 -29.68 -21.28 6.29
C ALA A 142 -28.70 -21.85 7.27
N VAL A 143 -28.27 -21.03 8.21
CA VAL A 143 -27.34 -21.49 9.25
C VAL A 143 -27.98 -22.60 10.06
N THR A 144 -29.26 -22.48 10.36
CA THR A 144 -29.97 -23.58 11.01
C THR A 144 -30.09 -24.86 10.15
N ASP A 145 -30.57 -24.74 8.92
CA ASP A 145 -30.90 -25.91 8.11
C ASP A 145 -29.68 -26.63 7.57
N PHE A 146 -28.56 -25.94 7.54
CA PHE A 146 -27.32 -26.55 7.12
C PHE A 146 -26.46 -26.96 8.34
N GLN A 147 -27.02 -26.77 9.54
CA GLN A 147 -26.33 -27.08 10.80
C GLN A 147 -24.90 -26.53 10.88
N ILE A 148 -24.77 -25.23 10.71
CA ILE A 148 -23.46 -24.58 10.68
C ILE A 148 -23.12 -24.14 12.07
N ASN A 149 -22.03 -24.70 12.59
CA ASN A 149 -21.60 -24.43 13.95
C ASN A 149 -20.23 -23.78 13.98
N GLY A 150 -19.58 -23.73 12.82
CA GLY A 150 -18.26 -23.20 12.70
C GLY A 150 -18.08 -22.66 11.31
N VAL A 151 -17.18 -21.70 11.18
CA VAL A 151 -16.91 -21.03 9.92
C VAL A 151 -15.42 -20.86 9.75
N PRO A 152 -14.97 -20.80 8.50
CA PRO A 152 -15.65 -20.83 7.21
C PRO A 152 -16.29 -22.20 6.90
N ALA A 153 -17.40 -22.24 6.19
CA ALA A 153 -18.01 -23.53 5.85
C ALA A 153 -18.68 -23.41 4.49
N MET A 154 -18.73 -24.47 3.70
CA MET A 154 -19.37 -24.43 2.36
C MET A 154 -20.13 -25.75 2.17
N VAL A 155 -21.37 -25.67 1.72
CA VAL A 155 -22.18 -26.86 1.49
C VAL A 155 -22.64 -26.89 0.04
N ILE A 156 -22.58 -28.05 -0.59
CA ILE A 156 -22.88 -28.12 -2.02
C ILE A 156 -24.13 -28.95 -2.29
N ASP A 157 -25.01 -28.42 -3.14
CA ASP A 157 -26.28 -29.07 -3.50
C ASP A 157 -27.16 -29.40 -2.30
N GLY A 158 -26.94 -28.67 -1.20
CA GLY A 158 -27.66 -28.88 0.04
C GLY A 158 -27.41 -30.25 0.65
N LYS A 159 -26.38 -30.95 0.17
CA LYS A 159 -26.19 -32.37 0.50
C LYS A 159 -24.75 -32.72 0.91
N TYR A 160 -23.74 -32.03 0.40
CA TYR A 160 -22.34 -32.35 0.72
C TYR A 160 -21.67 -31.22 1.47
N LYS A 161 -21.13 -31.51 2.65
CA LYS A 161 -20.35 -30.53 3.39
C LYS A 161 -18.86 -30.71 3.16
N MET A 162 -18.24 -29.68 2.58
CA MET A 162 -16.79 -29.65 2.41
C MET A 162 -16.00 -29.91 3.68
N LYS A 163 -14.96 -30.71 3.55
CA LYS A 163 -14.00 -30.98 4.60
C LYS A 163 -12.71 -30.21 4.34
N ASN A 164 -12.62 -29.01 4.90
CA ASN A 164 -11.55 -28.07 4.59
C ASN A 164 -10.18 -28.60 4.99
N ASP A 165 -10.17 -29.46 6.01
CA ASP A 165 -8.94 -30.10 6.49
C ASP A 165 -8.74 -31.42 5.77
N GLY A 166 -9.49 -31.63 4.71
CA GLY A 166 -9.45 -32.86 3.96
C GLY A 166 -8.92 -32.61 2.56
N ILE A 167 -8.67 -31.34 2.25
CA ILE A 167 -8.03 -30.96 0.99
C ILE A 167 -6.53 -30.78 1.22
N SER A 168 -5.73 -31.43 0.39
CA SER A 168 -4.28 -31.43 0.54
C SER A 168 -3.61 -30.54 -0.54
N ALA A 169 -2.53 -29.86 -0.16
CA ALA A 169 -1.84 -28.95 -1.06
C ALA A 169 -0.46 -28.63 -0.55
N LYS A 170 0.41 -28.28 -1.47
CA LYS A 170 1.76 -28.02 -1.08
C LYS A 170 1.89 -26.54 -0.88
N SER A 171 0.83 -25.79 -1.17
CA SER A 171 0.83 -24.39 -0.89
C SER A 171 -0.60 -23.94 -0.76
N PRO A 172 -0.84 -22.79 -0.11
CA PRO A 172 -2.18 -22.23 -0.02
C PRO A 172 -2.75 -21.89 -1.39
N GLU A 173 -1.88 -21.54 -2.33
CA GLU A 173 -2.27 -21.09 -3.67
C GLU A 173 -2.81 -22.28 -4.41
N GLU A 174 -2.09 -23.38 -4.34
CA GLU A 174 -2.57 -24.68 -4.79
C GLU A 174 -3.79 -25.15 -4.03
N TYR A 175 -3.86 -24.79 -2.74
CA TYR A 175 -4.97 -25.21 -1.89
C TYR A 175 -6.23 -24.66 -2.44
N ALA A 176 -6.23 -23.39 -2.80
CA ALA A 176 -7.43 -22.76 -3.34
C ALA A 176 -7.81 -23.34 -4.70
N LYS A 177 -6.82 -23.63 -5.52
CA LYS A 177 -7.04 -24.28 -6.78
C LYS A 177 -7.52 -25.68 -6.52
N ALA A 178 -6.91 -26.30 -5.54
CA ALA A 178 -7.26 -27.64 -5.16
C ALA A 178 -8.66 -27.65 -4.59
N TYR A 179 -9.02 -26.60 -3.85
CA TYR A 179 -10.34 -26.47 -3.27
C TYR A 179 -11.36 -26.33 -4.37
N SER A 180 -11.05 -25.44 -5.31
CA SER A 180 -11.89 -25.18 -6.48
C SER A 180 -12.04 -26.43 -7.33
N ASP A 181 -11.00 -27.25 -7.38
CA ASP A 181 -11.02 -28.51 -8.10
C ASP A 181 -12.06 -29.46 -7.49
N VAL A 182 -12.03 -29.65 -6.17
CA VAL A 182 -12.98 -30.54 -5.46
C VAL A 182 -14.46 -30.12 -5.62
N VAL A 183 -14.73 -28.81 -5.52
CA VAL A 183 -16.10 -28.29 -5.62
C VAL A 183 -16.75 -28.63 -6.94
N ASN A 184 -16.02 -28.38 -8.02
CA ASN A 184 -16.53 -28.61 -9.37
C ASN A 184 -16.81 -30.10 -9.60
N GLN A 185 -16.09 -30.97 -8.87
CA GLN A 185 -16.32 -32.40 -8.97
C GLN A 185 -17.58 -32.77 -8.22
N LEU A 186 -17.83 -32.11 -7.10
CA LEU A 186 -19.06 -32.33 -6.38
C LEU A 186 -20.24 -31.72 -7.12
N LEU A 187 -19.96 -30.72 -7.95
CA LEU A 187 -21.05 -30.11 -8.71
C LEU A 187 -21.56 -31.01 -9.82
N MET A 188 -20.63 -31.66 -10.53
CA MET A 188 -21.01 -32.61 -11.59
C MET A 188 -21.62 -33.90 -11.01
N LYS A 189 -21.74 -33.99 -9.69
CA LYS A 189 -22.21 -35.21 -9.03
C LYS A 189 -23.70 -35.17 -8.68
N ALA B 3 -0.99 -2.74 7.33
CA ALA B 3 -0.68 -2.79 8.79
C ALA B 3 0.11 -4.05 9.16
N ASP B 4 -0.61 -5.07 9.61
CA ASP B 4 -0.03 -6.30 10.09
C ASP B 4 0.43 -7.08 8.85
N ILE B 5 1.58 -7.73 8.89
CA ILE B 5 2.07 -8.50 7.71
C ILE B 5 1.96 -9.97 7.93
N SER B 6 1.42 -10.64 6.91
CA SER B 6 1.22 -12.11 6.92
C SER B 6 1.62 -12.77 5.58
N GLU B 7 2.05 -14.03 5.66
CA GLU B 7 2.50 -14.76 4.49
C GLU B 7 1.40 -14.89 3.41
N GLY B 8 1.78 -14.81 2.14
CA GLY B 8 0.83 -14.92 1.05
C GLY B 8 0.16 -13.60 0.70
N LYS B 9 0.29 -12.63 1.60
CA LYS B 9 -0.27 -11.33 1.38
C LYS B 9 0.82 -10.38 0.84
N GLN B 10 1.72 -9.90 1.70
CA GLN B 10 2.77 -8.99 1.20
C GLN B 10 4.02 -9.73 0.80
N TYR B 11 4.01 -11.04 0.99
CA TYR B 11 5.19 -11.89 0.72
C TYR B 11 4.77 -13.36 0.74
N THR B 12 5.68 -14.21 0.26
CA THR B 12 5.53 -15.68 0.25
C THR B 12 6.77 -16.45 0.70
N ASN B 13 6.59 -17.71 1.04
CA ASN B 13 7.70 -18.49 1.53
C ASN B 13 8.51 -19.03 0.38
N LEU B 14 9.83 -18.91 0.54
CA LEU B 14 10.77 -19.49 -0.36
C LEU B 14 10.57 -21.02 -0.23
N SER B 15 10.64 -21.75 -1.33
CA SER B 15 10.45 -23.19 -1.25
C SER B 15 11.64 -23.88 -0.58
N LYS B 16 12.81 -23.26 -0.66
CA LYS B 16 14.01 -23.75 -0.02
C LYS B 16 14.85 -22.61 0.59
N PRO B 17 14.65 -22.31 1.87
CA PRO B 17 15.38 -21.14 2.38
C PRO B 17 16.89 -21.33 2.31
N VAL B 18 17.60 -20.21 2.35
CA VAL B 18 19.05 -20.14 2.21
C VAL B 18 19.74 -19.72 3.50
N ALA B 19 20.60 -20.60 3.99
CA ALA B 19 21.36 -20.32 5.19
C ALA B 19 22.51 -19.41 4.77
N GLY B 20 22.83 -18.44 5.62
CA GLY B 20 23.87 -17.52 5.29
C GLY B 20 23.56 -16.74 4.02
N ALA B 21 22.28 -16.39 3.83
CA ALA B 21 21.95 -15.46 2.76
C ALA B 21 22.05 -14.06 3.38
N PRO B 22 22.34 -13.03 2.59
CA PRO B 22 22.20 -11.65 3.10
C PRO B 22 20.81 -11.36 3.66
N GLN B 23 20.66 -10.36 4.53
CA GLN B 23 19.36 -10.10 5.14
C GLN B 23 18.39 -9.55 4.10
N VAL B 24 18.94 -8.74 3.19
CA VAL B 24 18.19 -8.24 2.05
C VAL B 24 18.94 -8.55 0.76
N VAL B 25 18.29 -9.25 -0.17
CA VAL B 25 18.90 -9.49 -1.49
C VAL B 25 18.01 -8.88 -2.60
N GLU B 26 18.55 -7.90 -3.33
CA GLU B 26 17.87 -7.27 -4.46
C GLU B 26 18.31 -7.99 -5.73
N PHE B 27 17.37 -8.27 -6.63
CA PHE B 27 17.66 -8.89 -7.94
C PHE B 27 17.18 -7.97 -9.05
N PHE B 28 18.05 -7.69 -10.06
CA PHE B 28 17.70 -6.77 -11.14
C PHE B 28 18.39 -7.09 -12.47
N SER B 29 17.98 -6.38 -13.52
CA SER B 29 18.65 -6.40 -14.82
C SER B 29 18.68 -4.97 -15.37
N PHE B 30 19.79 -4.58 -15.96
CA PHE B 30 19.90 -3.30 -16.61
C PHE B 30 19.00 -3.21 -17.84
N TYR B 31 18.55 -4.37 -18.34
CA TYR B 31 17.66 -4.42 -19.49
C TYR B 31 16.19 -4.23 -19.15
N SER B 32 15.84 -4.38 -17.90
CA SER B 32 14.43 -4.42 -17.48
C SER B 32 13.79 -3.03 -17.24
N PRO B 33 12.74 -2.67 -18.00
CA PRO B 33 12.02 -1.41 -17.78
C PRO B 33 11.37 -1.32 -16.42
N HIS B 34 10.87 -2.43 -15.91
CA HIS B 34 10.34 -2.47 -14.56
C HIS B 34 11.46 -2.18 -13.55
N CYS B 35 12.65 -2.68 -13.78
CA CYS B 35 13.77 -2.37 -12.90
C CYS B 35 14.16 -0.90 -12.97
N TYR B 36 14.09 -0.32 -14.15
CA TYR B 36 14.39 1.07 -14.33
C TYR B 36 13.37 1.81 -13.52
N GLN B 37 12.09 1.49 -13.70
CA GLN B 37 11.04 2.09 -12.88
C GLN B 37 11.22 2.01 -11.41
N PHE B 38 11.58 0.83 -10.94
CA PHE B 38 11.68 0.57 -9.52
C PHE B 38 12.80 1.38 -8.81
N SER B 39 13.96 1.33 -9.37
CA SER B 39 15.11 1.90 -8.69
C SER B 39 15.45 3.25 -9.22
N GLU B 40 15.26 3.44 -10.52
CA GLU B 40 15.76 4.66 -11.08
C GLU B 40 14.70 5.75 -11.06
N VAL B 41 13.42 5.38 -11.17
CA VAL B 41 12.36 6.38 -11.14
C VAL B 41 11.70 6.51 -9.74
N TYR B 42 11.10 5.42 -9.26
CA TYR B 42 10.40 5.44 -7.98
C TYR B 42 11.39 5.32 -6.78
N LYS B 43 12.57 4.74 -7.01
CA LYS B 43 13.61 4.60 -5.99
C LYS B 43 13.11 3.82 -4.81
N VAL B 44 12.43 2.74 -5.10
CA VAL B 44 11.83 1.97 -4.05
C VAL B 44 12.93 1.27 -3.30
N ASN B 45 13.90 0.71 -4.01
CA ASN B 45 15.01 0.01 -3.34
C ASN B 45 15.89 0.93 -2.50
N SER B 46 15.98 2.19 -2.89
CA SER B 46 16.73 3.18 -2.15
C SER B 46 16.01 3.56 -0.86
N THR B 47 14.69 3.69 -0.91
CA THR B 47 13.90 3.92 0.29
C THR B 47 14.12 2.71 1.22
N VAL B 48 14.16 1.53 0.63
CA VAL B 48 14.37 0.36 1.44
C VAL B 48 15.75 0.33 2.11
N GLU B 49 16.81 0.63 1.36
CA GLU B 49 18.18 0.63 1.87
C GLU B 49 18.35 1.68 2.95
N LYS B 50 17.65 2.79 2.76
CA LYS B 50 17.71 3.88 3.70
C LYS B 50 17.00 3.58 4.99
N ASN B 51 16.11 2.62 4.97
CA ASN B 51 15.20 2.48 6.10
C ASN B 51 15.45 1.25 6.94
N VAL B 52 16.34 0.37 6.50
CA VAL B 52 16.65 -0.78 7.29
C VAL B 52 17.48 -0.35 8.50
N PRO B 53 17.47 -1.17 9.57
CA PRO B 53 18.33 -0.97 10.73
C PRO B 53 19.82 -0.99 10.35
N GLU B 54 20.64 -0.31 11.13
CA GLU B 54 22.08 -0.33 10.93
C GLU B 54 22.61 -1.75 11.11
N ASN B 55 23.63 -2.04 10.30
CA ASN B 55 24.29 -3.35 10.19
C ASN B 55 23.43 -4.36 9.49
N THR B 56 22.38 -3.92 8.79
CA THR B 56 21.57 -4.86 8.02
C THR B 56 22.40 -5.32 6.84
N LYS B 57 22.54 -6.65 6.68
CA LYS B 57 23.37 -7.15 5.60
C LYS B 57 22.62 -7.09 4.31
N MET B 58 23.06 -6.22 3.39
CA MET B 58 22.36 -6.04 2.12
C MET B 58 23.21 -6.50 0.92
N ALA B 59 22.52 -6.88 -0.15
CA ALA B 59 23.15 -7.27 -1.44
C ALA B 59 22.22 -6.88 -2.59
N ARG B 60 22.84 -6.63 -3.75
CA ARG B 60 22.17 -6.32 -4.99
C ARG B 60 22.82 -7.09 -6.15
N TYR B 61 22.04 -7.99 -6.75
CA TYR B 61 22.50 -8.90 -7.81
C TYR B 61 21.84 -8.63 -9.16
N HIS B 62 22.64 -8.74 -10.22
CA HIS B 62 22.15 -8.61 -11.58
C HIS B 62 21.82 -10.01 -12.14
N VAL B 63 20.79 -10.13 -12.96
CA VAL B 63 20.37 -11.43 -13.54
C VAL B 63 20.83 -11.61 -15.03
N ASP B 64 21.08 -12.85 -15.46
CA ASP B 64 21.61 -13.13 -16.83
C ASP B 64 20.54 -13.23 -17.92
N PHE B 65 19.30 -13.45 -17.49
CA PHE B 65 18.30 -14.00 -18.39
C PHE B 65 17.59 -12.96 -19.22
N LEU B 66 17.92 -11.70 -18.98
CA LEU B 66 17.41 -10.66 -19.87
C LEU B 66 18.55 -10.10 -20.74
N GLY B 67 18.23 -9.92 -22.01
CA GLY B 67 19.04 -9.13 -22.92
C GLY B 67 20.11 -9.96 -23.61
N PRO B 68 20.57 -9.52 -24.80
CA PRO B 68 21.60 -10.15 -25.64
C PRO B 68 22.97 -10.23 -24.92
N LEU B 69 23.25 -9.21 -24.10
CA LEU B 69 24.46 -9.20 -23.32
C LEU B 69 24.12 -9.43 -21.84
N GLY B 70 23.09 -10.18 -21.50
CA GLY B 70 22.71 -10.36 -20.11
C GLY B 70 23.85 -10.78 -19.16
N LYS B 71 24.49 -11.90 -19.48
CA LYS B 71 25.46 -12.48 -18.58
C LYS B 71 26.68 -11.65 -18.56
N GLU B 72 26.91 -10.93 -19.65
CA GLU B 72 28.06 -10.01 -19.74
C GLU B 72 27.87 -8.77 -18.80
N MET B 73 26.62 -8.35 -18.61
CA MET B 73 26.28 -7.22 -17.75
C MET B 73 26.33 -7.67 -16.30
N THR B 74 26.07 -8.94 -16.07
CA THR B 74 26.25 -9.53 -14.77
C THR B 74 27.72 -9.55 -14.38
N ARG B 75 28.60 -9.85 -15.33
CA ARG B 75 30.02 -9.77 -15.05
C ARG B 75 30.45 -8.31 -14.82
N ALA B 76 29.92 -7.40 -15.62
CA ALA B 76 30.16 -5.98 -15.44
C ALA B 76 29.76 -5.55 -14.03
N TRP B 77 28.61 -6.01 -13.57
CA TRP B 77 28.09 -5.63 -12.26
C TRP B 77 28.99 -6.27 -11.18
N ALA B 78 29.43 -7.49 -11.41
CA ALA B 78 30.40 -8.07 -10.54
C ALA B 78 31.64 -7.18 -10.45
N VAL B 79 32.11 -6.65 -11.58
CA VAL B 79 33.26 -5.73 -11.58
C VAL B 79 32.93 -4.50 -10.73
N ALA B 80 31.72 -3.98 -10.88
CA ALA B 80 31.28 -2.78 -10.16
C ALA B 80 31.33 -2.98 -8.62
N ILE B 81 30.88 -4.16 -8.21
CA ILE B 81 30.88 -4.60 -6.84
C ILE B 81 32.30 -4.69 -6.34
N ALA B 82 33.13 -5.34 -7.12
CA ALA B 82 34.54 -5.56 -6.75
C ALA B 82 35.32 -4.26 -6.54
N LEU B 83 35.06 -3.26 -7.38
CA LEU B 83 35.73 -1.97 -7.33
C LEU B 83 35.02 -0.96 -6.42
N GLY B 84 33.80 -1.30 -6.01
CA GLY B 84 33.01 -0.41 -5.16
C GLY B 84 32.53 0.84 -5.88
N VAL B 85 32.20 0.71 -7.15
CA VAL B 85 31.79 1.84 -7.96
C VAL B 85 30.35 1.70 -8.49
N GLU B 86 29.56 0.93 -7.74
CA GLU B 86 28.16 0.63 -8.07
CA GLU B 86 28.17 0.63 -8.09
C GLU B 86 27.42 1.90 -8.42
N ASP B 87 27.36 2.81 -7.45
CA ASP B 87 26.60 4.05 -7.59
C ASP B 87 27.14 4.98 -8.66
N GLN B 88 28.43 4.91 -8.91
CA GLN B 88 29.06 5.77 -9.90
C GLN B 88 28.69 5.29 -11.32
N VAL B 89 28.62 3.97 -11.55
CA VAL B 89 28.42 3.46 -12.91
C VAL B 89 26.97 3.05 -13.18
N SER B 90 26.23 2.67 -12.16
CA SER B 90 24.87 2.18 -12.35
C SER B 90 23.97 3.12 -13.19
N PRO B 91 23.91 4.43 -12.86
CA PRO B 91 23.06 5.28 -13.70
C PRO B 91 23.40 5.28 -15.17
N ALA B 92 24.71 5.25 -15.46
CA ALA B 92 25.23 5.28 -16.83
C ALA B 92 24.90 3.98 -17.56
N LEU B 93 24.83 2.88 -16.82
CA LEU B 93 24.53 1.58 -17.41
C LEU B 93 23.07 1.50 -17.77
N PHE B 94 22.17 1.95 -16.92
CA PHE B 94 20.74 2.01 -17.26
C PHE B 94 20.50 2.85 -18.51
N LYS B 95 21.11 4.03 -18.55
CA LYS B 95 20.99 4.95 -19.66
C LYS B 95 21.48 4.33 -20.95
N GLY B 96 22.65 3.69 -20.91
CA GLY B 96 23.26 3.11 -22.09
C GLY B 96 22.52 1.88 -22.63
N ILE B 97 21.90 1.14 -21.73
CA ILE B 97 21.08 0.04 -22.19
C ILE B 97 19.71 0.61 -22.61
N GLN B 98 19.05 1.36 -21.74
CA GLN B 98 17.61 1.68 -21.96
C GLN B 98 17.34 3.06 -22.57
N GLU B 99 18.26 4.01 -22.42
CA GLU B 99 18.01 5.37 -22.81
C GLU B 99 18.62 5.66 -24.18
N THR B 100 19.91 5.38 -24.31
CA THR B 100 20.60 5.72 -25.54
C THR B 100 20.80 4.48 -26.40
N GLN B 101 20.63 3.31 -25.79
CA GLN B 101 20.88 2.03 -26.42
C GLN B 101 22.22 2.05 -27.16
N SER B 102 23.22 2.59 -26.48
CA SER B 102 24.60 2.65 -26.94
C SER B 102 25.46 1.43 -26.54
N ILE B 103 24.98 0.60 -25.63
CA ILE B 103 25.76 -0.57 -25.23
C ILE B 103 25.42 -1.78 -26.07
N ARG B 104 26.28 -2.07 -27.04
CA ARG B 104 26.11 -3.18 -28.00
C ARG B 104 27.13 -4.32 -27.83
N SER B 105 28.26 -4.04 -27.20
CA SER B 105 29.34 -5.03 -27.14
C SER B 105 30.01 -4.91 -25.79
N VAL B 106 30.89 -5.85 -25.48
CA VAL B 106 31.57 -5.82 -24.20
C VAL B 106 32.45 -4.58 -24.13
N ASP B 107 32.95 -4.14 -25.27
CA ASP B 107 33.77 -2.93 -25.30
C ASP B 107 32.98 -1.71 -24.88
N ASP B 108 31.72 -1.68 -25.28
CA ASP B 108 30.86 -0.58 -24.89
C ASP B 108 30.61 -0.52 -23.41
N ILE B 109 30.47 -1.69 -22.77
CA ILE B 109 30.35 -1.78 -21.30
C ILE B 109 31.65 -1.21 -20.63
N ARG B 110 32.82 -1.68 -21.07
CA ARG B 110 34.08 -1.12 -20.61
C ARG B 110 34.15 0.41 -20.77
N THR B 111 33.80 0.91 -21.94
CA THR B 111 33.79 2.36 -22.20
C THR B 111 32.84 3.08 -21.26
N THR B 112 31.71 2.45 -21.02
CA THR B 112 30.78 3.05 -20.09
C THR B 112 31.40 3.20 -18.68
N PHE B 113 32.08 2.19 -18.15
CA PHE B 113 32.77 2.35 -16.85
C PHE B 113 33.79 3.46 -16.84
N ILE B 114 34.60 3.40 -17.86
CA ILE B 114 35.65 4.37 -17.98
C ILE B 114 35.10 5.80 -18.14
N ASN B 115 34.03 5.98 -18.89
CA ASN B 115 33.49 7.32 -19.01
C ASN B 115 32.79 7.85 -17.75
N ALA B 116 32.40 6.92 -16.90
CA ALA B 116 31.85 7.20 -15.59
C ALA B 116 32.96 7.34 -14.55
N GLY B 117 34.20 7.48 -15.00
CA GLY B 117 35.28 7.75 -14.10
C GLY B 117 36.00 6.53 -13.56
N VAL B 118 35.61 5.33 -13.97
CA VAL B 118 36.32 4.13 -13.55
C VAL B 118 37.67 4.03 -14.27
N LYS B 119 38.73 3.65 -13.51
CA LYS B 119 40.08 3.49 -14.06
C LYS B 119 40.18 2.24 -14.93
N ALA B 120 40.65 2.43 -16.17
CA ALA B 120 40.78 1.33 -17.15
C ALA B 120 41.53 0.09 -16.68
N GLU B 121 42.64 0.32 -16.00
CA GLU B 121 43.48 -0.75 -15.59
C GLU B 121 42.82 -1.50 -14.46
N ASP B 122 42.10 -0.79 -13.60
CA ASP B 122 41.38 -1.44 -12.53
C ASP B 122 40.25 -2.25 -13.10
N TYR B 123 39.55 -1.69 -14.09
CA TYR B 123 38.47 -2.39 -14.76
C TYR B 123 39.05 -3.69 -15.39
N ASP B 124 40.18 -3.56 -16.07
CA ASP B 124 40.83 -4.68 -16.75
C ASP B 124 41.38 -5.75 -15.81
N ALA B 125 41.81 -5.35 -14.62
CA ALA B 125 42.30 -6.32 -13.61
C ALA B 125 41.09 -7.10 -13.07
N ALA B 126 40.02 -6.35 -12.87
CA ALA B 126 38.86 -6.90 -12.24
C ALA B 126 38.07 -7.85 -13.14
N ILE B 127 37.94 -7.55 -14.42
CA ILE B 127 36.85 -8.18 -15.15
C ILE B 127 36.91 -9.71 -15.17
N ASN B 128 38.09 -10.29 -15.23
CA ASN B 128 38.18 -11.74 -15.16
C ASN B 128 38.96 -12.24 -13.94
N SER B 129 39.02 -11.44 -12.89
CA SER B 129 39.65 -11.85 -11.66
C SER B 129 38.89 -12.97 -10.98
N PHE B 130 39.60 -13.74 -10.15
CA PHE B 130 39.01 -14.78 -9.30
C PHE B 130 37.86 -14.19 -8.50
N VAL B 131 38.06 -13.00 -7.95
CA VAL B 131 37.04 -12.34 -7.14
C VAL B 131 35.79 -12.08 -8.00
N VAL B 132 35.96 -11.61 -9.25
CA VAL B 132 34.80 -11.32 -10.10
C VAL B 132 34.16 -12.62 -10.63
N ASN B 133 34.96 -13.61 -11.02
CA ASN B 133 34.43 -14.92 -11.38
C ASN B 133 33.59 -15.48 -10.24
N SER B 134 34.09 -15.34 -9.02
CA SER B 134 33.37 -15.77 -7.83
C SER B 134 32.09 -14.96 -7.64
N LEU B 135 32.14 -13.64 -7.82
CA LEU B 135 30.94 -12.82 -7.73
C LEU B 135 29.93 -13.16 -8.83
N VAL B 136 30.39 -13.49 -10.04
CA VAL B 136 29.44 -13.83 -11.12
C VAL B 136 28.72 -15.09 -10.67
N SER B 137 29.43 -16.11 -10.17
CA SER B 137 28.78 -17.33 -9.71
C SER B 137 27.80 -17.06 -8.62
N GLN B 138 28.22 -16.21 -7.70
CA GLN B 138 27.39 -15.92 -6.57
C GLN B 138 26.04 -15.39 -6.99
N GLN B 139 26.06 -14.49 -7.98
CA GLN B 139 24.86 -13.88 -8.51
C GLN B 139 24.02 -14.96 -9.20
N GLN B 140 24.66 -15.75 -10.06
CA GLN B 140 23.97 -16.75 -10.86
C GLN B 140 23.30 -17.85 -10.05
N ASN B 141 23.99 -18.31 -9.01
CA ASN B 141 23.49 -19.33 -8.08
C ASN B 141 22.34 -18.81 -7.14
N ALA B 142 22.41 -17.53 -6.77
CA ALA B 142 21.38 -16.90 -5.93
C ALA B 142 20.09 -16.85 -6.75
N VAL B 143 20.21 -16.54 -8.03
CA VAL B 143 19.08 -16.52 -8.92
C VAL B 143 18.47 -17.92 -8.98
N THR B 144 19.31 -18.95 -9.03
CA THR B 144 18.86 -20.34 -8.96
C THR B 144 18.21 -20.69 -7.61
N ASP B 145 18.90 -20.40 -6.51
CA ASP B 145 18.46 -20.82 -5.18
C ASP B 145 17.31 -20.00 -4.61
N PHE B 146 17.11 -18.80 -5.14
CA PHE B 146 15.99 -18.00 -4.73
C PHE B 146 14.89 -18.11 -5.81
N GLN B 147 15.11 -18.94 -6.82
CA GLN B 147 14.13 -19.10 -7.93
C GLN B 147 13.57 -17.82 -8.57
N ILE B 148 14.47 -16.98 -9.06
CA ILE B 148 14.12 -15.70 -9.63
C ILE B 148 13.89 -15.84 -11.12
N ASN B 149 12.68 -15.56 -11.55
CA ASN B 149 12.29 -15.70 -12.96
C ASN B 149 11.93 -14.37 -13.57
N GLY B 150 11.82 -13.37 -12.73
CA GLY B 150 11.42 -12.05 -13.13
C GLY B 150 12.00 -11.01 -12.23
N VAL B 151 12.13 -9.80 -12.74
CA VAL B 151 12.74 -8.71 -11.98
C VAL B 151 11.91 -7.43 -12.18
N PRO B 152 11.91 -6.51 -11.18
CA PRO B 152 12.60 -6.47 -9.87
C PRO B 152 12.07 -7.52 -8.88
N ALA B 153 12.98 -8.01 -8.05
CA ALA B 153 12.66 -8.98 -7.01
C ALA B 153 13.55 -8.78 -5.79
N MET B 154 12.99 -9.08 -4.63
CA MET B 154 13.72 -8.95 -3.37
C MET B 154 13.43 -10.07 -2.38
N VAL B 155 14.50 -10.61 -1.82
CA VAL B 155 14.40 -11.70 -0.84
C VAL B 155 15.03 -11.27 0.50
N ILE B 156 14.32 -11.62 1.55
CA ILE B 156 14.65 -11.22 2.90
C ILE B 156 14.99 -12.39 3.74
N ASP B 157 16.10 -12.22 4.44
CA ASP B 157 16.68 -13.23 5.32
C ASP B 157 16.91 -14.54 4.57
N GLY B 158 17.07 -14.53 3.25
CA GLY B 158 17.22 -15.78 2.54
C GLY B 158 15.97 -16.66 2.69
N LYS B 159 14.87 -16.07 3.16
CA LYS B 159 13.70 -16.84 3.58
C LYS B 159 12.39 -16.34 3.02
N TYR B 160 12.27 -15.03 2.87
CA TYR B 160 11.02 -14.40 2.41
C TYR B 160 11.14 -13.65 1.10
N LYS B 161 10.29 -13.99 0.11
CA LYS B 161 10.22 -13.24 -1.15
C LYS B 161 9.09 -12.19 -1.12
N MET B 162 9.47 -10.93 -1.25
CA MET B 162 8.50 -9.82 -1.36
C MET B 162 7.44 -10.08 -2.46
N LYS B 163 6.19 -9.76 -2.17
CA LYS B 163 5.15 -9.84 -3.17
C LYS B 163 4.83 -8.44 -3.64
N ASN B 164 5.53 -8.03 -4.72
CA ASN B 164 5.51 -6.65 -5.15
C ASN B 164 4.08 -6.27 -5.56
N ASP B 165 3.30 -7.26 -6.01
CA ASP B 165 1.91 -7.02 -6.39
C ASP B 165 0.94 -7.26 -5.23
N GLY B 166 1.47 -7.36 -4.02
CA GLY B 166 0.66 -7.63 -2.85
C GLY B 166 0.74 -6.47 -1.90
N ILE B 167 1.61 -5.52 -2.26
CA ILE B 167 1.69 -4.27 -1.50
C ILE B 167 0.86 -3.23 -2.22
N SER B 168 -0.03 -2.66 -1.44
CA SER B 168 -1.02 -1.74 -1.94
C SER B 168 -0.64 -0.35 -1.54
N ALA B 169 -0.90 0.58 -2.43
CA ALA B 169 -0.55 1.93 -2.17
C ALA B 169 -1.37 2.74 -3.14
N LYS B 170 -1.66 3.97 -2.75
CA LYS B 170 -2.50 4.84 -3.55
C LYS B 170 -1.69 5.77 -4.37
N SER B 171 -0.38 5.69 -4.17
CA SER B 171 0.56 6.45 -4.96
C SER B 171 1.87 5.67 -4.93
N PRO B 172 2.74 5.96 -5.90
CA PRO B 172 4.04 5.27 -5.86
C PRO B 172 4.82 5.57 -4.57
N GLU B 173 4.61 6.78 -4.04
CA GLU B 173 5.33 7.25 -2.87
C GLU B 173 4.85 6.46 -1.70
N GLU B 174 3.52 6.29 -1.62
CA GLU B 174 3.01 5.39 -0.63
C GLU B 174 3.52 3.99 -0.85
N TYR B 175 3.70 3.59 -2.10
CA TYR B 175 4.19 2.25 -2.39
C TYR B 175 5.60 1.98 -1.92
N ALA B 176 6.50 2.89 -2.18
CA ALA B 176 7.89 2.73 -1.80
C ALA B 176 8.04 2.76 -0.28
N LYS B 177 7.25 3.62 0.38
CA LYS B 177 7.21 3.72 1.83
C LYS B 177 6.67 2.45 2.45
N ALA B 178 5.59 1.93 1.85
CA ALA B 178 4.94 0.69 2.30
C ALA B 178 5.85 -0.51 2.09
N TYR B 179 6.59 -0.47 0.98
CA TYR B 179 7.50 -1.55 0.72
C TYR B 179 8.60 -1.59 1.81
N SER B 180 9.21 -0.45 2.08
CA SER B 180 10.25 -0.39 3.13
C SER B 180 9.67 -0.76 4.48
N ASP B 181 8.42 -0.40 4.73
CA ASP B 181 7.84 -0.79 6.00
C ASP B 181 7.78 -2.32 6.09
N VAL B 182 7.26 -3.01 5.07
CA VAL B 182 7.15 -4.49 5.05
C VAL B 182 8.52 -5.21 5.19
N VAL B 183 9.51 -4.71 4.49
CA VAL B 183 10.85 -5.32 4.53
C VAL B 183 11.33 -5.30 5.98
N ASN B 184 11.20 -4.13 6.63
CA ASN B 184 11.66 -3.92 8.00
C ASN B 184 10.92 -4.81 8.98
N GLN B 185 9.69 -5.18 8.64
CA GLN B 185 8.93 -6.10 9.45
C GLN B 185 9.36 -7.52 9.33
N LEU B 186 9.74 -7.96 8.13
CA LEU B 186 10.29 -9.31 7.99
C LEU B 186 11.66 -9.39 8.61
N LEU B 187 12.33 -8.25 8.71
CA LEU B 187 13.65 -8.19 9.31
C LEU B 187 13.54 -8.43 10.81
N MET B 188 12.51 -7.86 11.42
CA MET B 188 12.26 -8.04 12.84
C MET B 188 11.85 -9.46 13.21
N LYS B 189 11.80 -10.35 12.22
CA LYS B 189 11.37 -11.71 12.46
C LYS B 189 12.60 -12.62 12.64
N ALA C 3 15.93 29.23 -16.18
CA ALA C 3 16.06 28.84 -14.75
C ALA C 3 15.74 30.00 -13.81
N ASP C 4 15.71 31.22 -14.34
CA ASP C 4 15.49 32.44 -13.54
C ASP C 4 14.04 32.76 -13.09
N ILE C 5 14.00 33.22 -11.85
CA ILE C 5 12.86 33.63 -11.05
C ILE C 5 12.81 35.15 -10.81
N SER C 6 11.65 35.77 -10.92
CA SER C 6 11.55 37.21 -10.69
C SER C 6 10.38 37.56 -9.77
N GLU C 7 10.65 38.56 -8.93
CA GLU C 7 9.69 39.03 -7.94
C GLU C 7 8.45 39.57 -8.61
N GLY C 8 7.30 39.32 -8.01
CA GLY C 8 6.04 39.79 -8.57
C GLY C 8 5.58 38.78 -9.59
N LYS C 9 6.50 37.90 -10.02
CA LYS C 9 6.24 36.85 -11.00
C LYS C 9 5.97 35.49 -10.37
N GLN C 10 7.04 34.80 -9.92
CA GLN C 10 6.87 33.47 -9.31
C GLN C 10 6.70 33.56 -7.82
N TYR C 11 6.77 34.76 -7.28
CA TYR C 11 6.69 34.88 -5.86
C TYR C 11 6.53 36.32 -5.53
N THR C 12 6.18 36.60 -4.29
CA THR C 12 6.11 37.95 -3.85
C THR C 12 6.79 38.04 -2.49
N ASN C 13 7.17 39.26 -2.15
CA ASN C 13 7.84 39.55 -0.90
C ASN C 13 6.76 39.75 0.13
N LEU C 14 6.92 39.19 1.30
CA LEU C 14 5.97 39.48 2.36
C LEU C 14 6.06 40.93 2.76
N SER C 15 4.89 41.51 3.03
CA SER C 15 4.84 42.90 3.43
C SER C 15 5.44 43.00 4.83
N LYS C 16 5.37 41.92 5.60
CA LYS C 16 5.98 41.89 6.93
C LYS C 16 6.69 40.57 7.11
N PRO C 17 7.98 40.55 6.79
CA PRO C 17 8.75 39.30 6.76
C PRO C 17 8.82 38.62 8.14
N VAL C 18 9.14 37.33 8.15
CA VAL C 18 9.17 36.54 9.37
C VAL C 18 10.56 36.11 9.82
N ALA C 19 10.97 36.55 11.02
CA ALA C 19 12.28 36.13 11.58
C ALA C 19 12.19 34.75 12.24
N GLY C 20 13.22 33.93 12.06
CA GLY C 20 13.23 32.61 12.70
C GLY C 20 12.06 31.70 12.35
N ALA C 21 11.60 31.76 11.10
CA ALA C 21 10.63 30.81 10.58
C ALA C 21 11.33 29.62 9.98
N PRO C 22 10.65 28.46 9.93
CA PRO C 22 11.25 27.41 9.12
C PRO C 22 11.55 27.92 7.70
N GLN C 23 12.48 27.27 7.01
CA GLN C 23 12.93 27.70 5.67
C GLN C 23 11.82 27.53 4.61
N VAL C 24 11.03 26.49 4.76
CA VAL C 24 9.86 26.28 3.94
C VAL C 24 8.66 26.07 4.83
N VAL C 25 7.64 26.90 4.68
CA VAL C 25 6.38 26.74 5.42
C VAL C 25 5.15 26.53 4.53
N GLU C 26 4.51 25.38 4.68
CA GLU C 26 3.30 25.02 3.98
C GLU C 26 2.01 25.33 4.74
N PHE C 27 0.99 25.87 4.06
CA PHE C 27 -0.34 26.12 4.67
C PHE C 27 -1.48 25.42 3.87
N PHE C 28 -2.35 24.67 4.54
CA PHE C 28 -3.41 23.92 3.86
C PHE C 28 -4.66 23.71 4.70
N SER C 29 -5.71 23.19 4.07
CA SER C 29 -6.90 22.73 4.77
C SER C 29 -7.41 21.42 4.14
N PHE C 30 -7.84 20.48 5.00
CA PHE C 30 -8.45 19.23 4.56
C PHE C 30 -9.77 19.49 3.86
N TYR C 31 -10.33 20.68 4.05
CA TYR C 31 -11.57 21.07 3.37
C TYR C 31 -11.36 21.62 2.00
N SER C 32 -10.13 22.01 1.68
CA SER C 32 -9.85 22.72 0.44
C SER C 32 -9.64 21.76 -0.75
N PRO C 33 -10.51 21.82 -1.80
CA PRO C 33 -10.30 20.99 -2.97
C PRO C 33 -8.97 21.30 -3.69
N HIS C 34 -8.54 22.56 -3.73
CA HIS C 34 -7.26 22.91 -4.30
C HIS C 34 -6.14 22.26 -3.51
N CYS C 35 -6.29 22.20 -2.21
CA CYS C 35 -5.26 21.52 -1.39
C CYS C 35 -5.21 20.02 -1.69
N TYR C 36 -6.36 19.44 -1.92
CA TYR C 36 -6.39 18.05 -2.26
C TYR C 36 -5.66 17.85 -3.56
N GLN C 37 -6.02 18.61 -4.57
CA GLN C 37 -5.34 18.60 -5.85
C GLN C 37 -3.81 18.83 -5.74
N PHE C 38 -3.38 19.80 -4.96
CA PHE C 38 -1.98 20.15 -4.86
C PHE C 38 -1.17 19.02 -4.27
N SER C 39 -1.63 18.45 -3.16
CA SER C 39 -0.84 17.49 -2.41
C SER C 39 -1.23 16.04 -2.70
N GLU C 40 -2.49 15.74 -2.93
CA GLU C 40 -2.90 14.36 -3.04
C GLU C 40 -2.86 13.87 -4.46
N VAL C 41 -3.11 14.77 -5.41
CA VAL C 41 -3.07 14.39 -6.83
C VAL C 41 -1.73 14.73 -7.47
N TYR C 42 -1.41 16.01 -7.46
CA TYR C 42 -0.19 16.48 -8.07
C TYR C 42 1.03 16.24 -7.19
N LYS C 43 0.83 16.13 -5.89
CA LYS C 43 1.91 15.86 -4.94
C LYS C 43 2.95 16.96 -5.08
N VAL C 44 2.56 18.21 -5.18
CA VAL C 44 3.54 19.26 -5.41
C VAL C 44 4.34 19.50 -4.16
N ASN C 45 3.67 19.56 -3.02
CA ASN C 45 4.42 19.79 -1.79
C ASN C 45 5.41 18.68 -1.41
N SER C 46 5.12 17.43 -1.73
CA SER C 46 6.09 16.41 -1.40
C SER C 46 7.29 16.56 -2.33
N THR C 47 7.06 16.91 -3.58
CA THR C 47 8.13 17.16 -4.50
C THR C 47 9.02 18.26 -4.01
N VAL C 48 8.45 19.32 -3.46
CA VAL C 48 9.27 20.41 -2.96
C VAL C 48 10.11 19.89 -1.82
N GLU C 49 9.45 19.16 -0.92
CA GLU C 49 10.08 18.59 0.28
C GLU C 49 11.18 17.57 -0.02
N LYS C 50 11.00 16.83 -1.08
CA LYS C 50 11.96 15.84 -1.49
C LYS C 50 13.23 16.52 -2.08
N ASN C 51 13.08 17.79 -2.47
CA ASN C 51 14.10 18.49 -3.28
C ASN C 51 14.82 19.61 -2.60
N VAL C 52 14.41 19.98 -1.40
CA VAL C 52 15.10 21.02 -0.71
C VAL C 52 16.47 20.48 -0.33
N PRO C 53 17.41 21.38 -0.06
CA PRO C 53 18.70 20.90 0.40
C PRO C 53 18.48 20.04 1.62
N GLU C 54 19.37 19.08 1.85
CA GLU C 54 19.27 18.23 3.02
C GLU C 54 19.37 19.03 4.27
N ASN C 55 18.58 18.61 5.26
CA ASN C 55 18.52 19.28 6.55
C ASN C 55 17.81 20.66 6.55
N THR C 56 17.05 20.97 5.49
CA THR C 56 16.27 22.22 5.38
C THR C 56 15.13 22.20 6.41
N LYS C 57 14.98 23.26 7.22
CA LYS C 57 13.92 23.32 8.25
C LYS C 57 12.55 23.61 7.57
N MET C 58 11.66 22.62 7.64
CA MET C 58 10.35 22.59 7.00
C MET C 58 9.17 22.66 7.98
N ALA C 59 8.01 23.11 7.50
CA ALA C 59 6.82 23.09 8.32
C ALA C 59 5.56 22.88 7.44
N ARG C 60 4.52 22.25 8.00
CA ARG C 60 3.24 22.09 7.32
C ARG C 60 2.14 22.34 8.37
N TYR C 61 1.40 23.42 8.19
CA TYR C 61 0.37 23.85 9.11
C TYR C 61 -1.02 23.79 8.50
N HIS C 62 -2.01 23.40 9.30
CA HIS C 62 -3.40 23.38 8.85
C HIS C 62 -4.02 24.72 9.31
N VAL C 63 -4.93 25.28 8.50
CA VAL C 63 -5.57 26.56 8.77
C VAL C 63 -6.99 26.35 9.33
N ASP C 64 -7.46 27.28 10.16
CA ASP C 64 -8.74 27.15 10.85
C ASP C 64 -9.93 27.65 10.00
N PHE C 65 -9.68 28.46 8.96
CA PHE C 65 -10.75 29.29 8.44
C PHE C 65 -11.66 28.64 7.40
N LEU C 66 -11.39 27.42 6.99
CA LEU C 66 -12.31 26.69 6.12
C LEU C 66 -13.02 25.56 6.87
N GLY C 67 -14.32 25.42 6.60
CA GLY C 67 -15.06 24.26 6.99
C GLY C 67 -15.70 24.33 8.36
N PRO C 68 -16.76 23.54 8.58
CA PRO C 68 -17.50 23.50 9.84
C PRO C 68 -16.68 23.08 11.02
N LEU C 69 -15.75 22.16 10.77
CA LEU C 69 -14.85 21.64 11.81
C LEU C 69 -13.43 22.19 11.60
N GLY C 70 -13.32 23.42 11.11
CA GLY C 70 -12.03 24.02 10.83
C GLY C 70 -11.03 23.93 11.96
N LYS C 71 -11.33 24.44 13.15
CA LYS C 71 -10.27 24.47 14.13
C LYS C 71 -9.99 23.06 14.65
N GLU C 72 -10.98 22.18 14.60
CA GLU C 72 -10.82 20.81 15.04
C GLU C 72 -9.90 19.99 14.17
N MET C 73 -9.92 20.32 12.90
CA MET C 73 -9.09 19.62 11.95
C MET C 73 -7.68 20.11 12.08
N THR C 74 -7.50 21.35 12.51
CA THR C 74 -6.14 21.84 12.85
C THR C 74 -5.55 21.08 14.06
N ARG C 75 -6.38 20.79 15.05
CA ARG C 75 -5.99 19.95 16.20
C ARG C 75 -5.73 18.50 15.76
N ALA C 76 -6.56 18.00 14.86
CA ALA C 76 -6.35 16.71 14.26
C ALA C 76 -4.97 16.66 13.60
N TRP C 77 -4.61 17.71 12.87
CA TRP C 77 -3.35 17.73 12.18
C TRP C 77 -2.21 17.77 13.18
N ALA C 78 -2.36 18.55 14.23
CA ALA C 78 -1.41 18.57 15.33
C ALA C 78 -1.22 17.18 15.91
N VAL C 79 -2.30 16.44 16.12
CA VAL C 79 -2.19 15.09 16.62
C VAL C 79 -1.40 14.26 15.64
N ALA C 80 -1.66 14.42 14.34
CA ALA C 80 -0.97 13.61 13.34
C ALA C 80 0.52 13.83 13.44
N ILE C 81 0.93 15.08 13.63
CA ILE C 81 2.35 15.41 13.80
C ILE C 81 2.93 14.80 15.04
N ALA C 82 2.25 15.02 16.14
CA ALA C 82 2.71 14.54 17.42
C ALA C 82 2.80 13.03 17.43
N LEU C 83 1.86 12.35 16.76
CA LEU C 83 1.86 10.87 16.76
C LEU C 83 2.73 10.27 15.66
N GLY C 84 3.16 11.12 14.72
CA GLY C 84 3.98 10.76 13.60
C GLY C 84 3.31 9.94 12.52
N VAL C 85 2.05 10.19 12.28
CA VAL C 85 1.26 9.42 11.29
C VAL C 85 0.71 10.30 10.17
N GLU C 86 1.36 11.42 9.86
CA GLU C 86 0.86 12.35 8.83
C GLU C 86 0.49 11.64 7.51
N ASP C 87 1.41 10.84 7.02
CA ASP C 87 1.27 10.13 5.78
C ASP C 87 0.19 9.10 5.86
N GLN C 88 -0.05 8.58 7.05
CA GLN C 88 -1.09 7.58 7.24
C GLN C 88 -2.48 8.19 7.25
N VAL C 89 -2.61 9.37 7.86
CA VAL C 89 -3.93 9.94 8.10
C VAL C 89 -4.39 10.98 7.09
N SER C 90 -3.47 11.70 6.41
CA SER C 90 -3.87 12.77 5.46
C SER C 90 -4.86 12.35 4.39
N PRO C 91 -4.56 11.25 3.64
CA PRO C 91 -5.52 10.80 2.62
C PRO C 91 -6.89 10.48 3.20
N ALA C 92 -6.93 9.88 4.38
CA ALA C 92 -8.20 9.51 4.98
C ALA C 92 -8.98 10.74 5.46
N LEU C 93 -8.28 11.78 5.89
CA LEU C 93 -8.90 13.01 6.38
C LEU C 93 -9.43 13.80 5.15
N PHE C 94 -8.65 13.88 4.08
CA PHE C 94 -9.13 14.47 2.85
C PHE C 94 -10.37 13.71 2.33
N LYS C 95 -10.29 12.39 2.31
CA LYS C 95 -11.41 11.57 1.85
C LYS C 95 -12.72 11.75 2.63
N GLY C 96 -12.60 11.70 3.96
CA GLY C 96 -13.73 11.76 4.85
C GLY C 96 -14.39 13.10 4.88
N ILE C 97 -13.62 14.15 4.64
CA ILE C 97 -14.15 15.49 4.52
C ILE C 97 -14.78 15.82 3.16
N GLN C 98 -14.05 15.60 2.07
CA GLN C 98 -14.45 16.16 0.79
C GLN C 98 -15.17 15.19 -0.10
N GLU C 99 -14.86 13.93 0.11
CA GLU C 99 -15.31 12.92 -0.79
C GLU C 99 -16.54 12.14 -0.32
N THR C 100 -16.41 11.58 0.88
CA THR C 100 -17.43 10.72 1.43
C THR C 100 -18.23 11.48 2.48
N GLN C 101 -17.74 12.61 2.94
CA GLN C 101 -18.36 13.32 4.05
C GLN C 101 -18.68 12.38 5.22
N SER C 102 -17.73 11.54 5.60
CA SER C 102 -17.97 10.70 6.73
C SER C 102 -17.51 11.41 8.00
N ILE C 103 -16.72 12.48 7.85
CA ILE C 103 -16.23 13.23 9.02
C ILE C 103 -17.17 14.36 9.32
N ARG C 104 -18.04 14.15 10.30
CA ARG C 104 -19.05 15.11 10.65
C ARG C 104 -18.81 15.72 12.02
N SER C 105 -18.09 15.00 12.86
CA SER C 105 -17.94 15.39 14.24
C SER C 105 -16.60 15.01 14.67
N VAL C 106 -16.21 15.46 15.86
CA VAL C 106 -14.90 15.15 16.38
C VAL C 106 -14.69 13.64 16.67
N ASP C 107 -15.73 12.89 17.06
CA ASP C 107 -15.56 11.42 17.25
C ASP C 107 -15.21 10.76 15.92
N ASP C 108 -15.81 11.26 14.85
CA ASP C 108 -15.52 10.76 13.51
C ASP C 108 -14.08 11.00 13.14
N ILE C 109 -13.53 12.12 13.57
CA ILE C 109 -12.08 12.33 13.40
C ILE C 109 -11.24 11.23 14.11
N ARG C 110 -11.54 10.99 15.38
CA ARG C 110 -10.92 9.92 16.15
C ARG C 110 -11.02 8.59 15.48
N THR C 111 -12.21 8.27 15.03
CA THR C 111 -12.45 7.01 14.34
C THR C 111 -11.59 6.93 13.10
N THR C 112 -11.43 8.03 12.38
CA THR C 112 -10.58 8.06 11.19
C THR C 112 -9.16 7.71 11.62
N PHE C 113 -8.70 8.33 12.69
CA PHE C 113 -7.41 7.98 13.25
C PHE C 113 -7.34 6.50 13.67
N ILE C 114 -8.34 5.97 14.38
CA ILE C 114 -8.30 4.57 14.84
C ILE C 114 -8.22 3.65 13.62
N ASN C 115 -8.97 3.99 12.58
CA ASN C 115 -8.93 3.27 11.30
C ASN C 115 -7.67 3.43 10.48
N ALA C 116 -6.91 4.48 10.75
CA ALA C 116 -5.60 4.63 10.16
C ALA C 116 -4.56 3.90 11.04
N GLY C 117 -5.02 3.09 11.98
CA GLY C 117 -4.11 2.29 12.76
C GLY C 117 -3.64 2.93 14.05
N VAL C 118 -4.07 4.15 14.35
CA VAL C 118 -3.70 4.73 15.63
C VAL C 118 -4.47 4.05 16.75
N LYS C 119 -3.79 3.75 17.84
CA LYS C 119 -4.38 3.13 19.01
C LYS C 119 -5.28 4.11 19.72
N ALA C 120 -6.50 3.72 20.03
CA ALA C 120 -7.45 4.59 20.68
C ALA C 120 -6.83 5.32 21.86
N GLU C 121 -6.04 4.60 22.64
CA GLU C 121 -5.49 5.15 23.86
C GLU C 121 -4.43 6.18 23.54
N ASP C 122 -3.68 5.97 22.46
CA ASP C 122 -2.68 6.95 22.07
C ASP C 122 -3.34 8.24 21.54
N TYR C 123 -4.40 8.09 20.76
CA TYR C 123 -5.12 9.22 20.29
C TYR C 123 -5.65 10.06 21.40
N ASP C 124 -6.26 9.43 22.37
CA ASP C 124 -6.90 10.14 23.47
C ASP C 124 -5.88 10.88 24.31
N ALA C 125 -4.69 10.33 24.40
CA ALA C 125 -3.63 10.97 25.19
C ALA C 125 -3.12 12.23 24.52
N ALA C 126 -2.99 12.15 23.20
CA ALA C 126 -2.42 13.23 22.42
C ALA C 126 -3.37 14.42 22.27
N ILE C 127 -4.66 14.19 22.11
CA ILE C 127 -5.51 15.23 21.54
C ILE C 127 -5.50 16.53 22.34
N ASN C 128 -5.44 16.46 23.67
CA ASN C 128 -5.34 17.70 24.48
C ASN C 128 -4.05 17.75 25.28
N SER C 129 -3.03 17.04 24.80
CA SER C 129 -1.68 17.05 25.38
C SER C 129 -0.97 18.41 25.22
N PHE C 130 0.00 18.68 26.10
CA PHE C 130 0.86 19.86 25.99
C PHE C 130 1.48 19.95 24.60
N VAL C 131 1.98 18.84 24.08
CA VAL C 131 2.64 18.89 22.80
C VAL C 131 1.68 19.35 21.66
N VAL C 132 0.45 18.83 21.64
CA VAL C 132 -0.53 19.14 20.61
C VAL C 132 -1.08 20.54 20.79
N ASN C 133 -1.35 20.92 22.03
CA ASN C 133 -1.74 22.29 22.31
C ASN C 133 -0.70 23.26 21.78
N SER C 134 0.58 22.92 22.00
CA SER C 134 1.64 23.76 21.47
C SER C 134 1.64 23.82 19.94
N LEU C 135 1.44 22.68 19.30
CA LEU C 135 1.36 22.62 17.86
C LEU C 135 0.14 23.36 17.31
N VAL C 136 -0.98 23.31 18.01
CA VAL C 136 -2.17 24.00 17.50
C VAL C 136 -1.90 25.53 17.50
N SER C 137 -1.37 26.07 18.60
CA SER C 137 -1.05 27.51 18.71
C SER C 137 -0.09 27.97 17.65
N GLN C 138 0.90 27.13 17.46
CA GLN C 138 1.94 27.38 16.52
C GLN C 138 1.34 27.53 15.13
N GLN C 139 0.40 26.66 14.77
CA GLN C 139 -0.24 26.71 13.46
C GLN C 139 -1.05 28.01 13.33
N GLN C 140 -1.88 28.27 14.33
CA GLN C 140 -2.77 29.41 14.33
C GLN C 140 -1.94 30.69 14.32
N ASN C 141 -0.85 30.71 15.06
CA ASN C 141 0.02 31.88 15.06
C ASN C 141 0.75 32.03 13.73
N ALA C 142 1.08 30.95 13.06
CA ALA C 142 1.71 31.06 11.76
C ALA C 142 0.75 31.64 10.71
N VAL C 143 -0.51 31.22 10.74
CA VAL C 143 -1.50 31.74 9.80
C VAL C 143 -1.64 33.24 10.01
N THR C 144 -1.60 33.67 11.26
CA THR C 144 -1.56 35.09 11.59
C THR C 144 -0.29 35.80 11.10
N ASP C 145 0.89 35.25 11.40
CA ASP C 145 2.17 35.91 11.15
C ASP C 145 2.59 35.90 9.68
N PHE C 146 2.01 35.01 8.91
CA PHE C 146 2.29 35.00 7.48
C PHE C 146 1.13 35.65 6.73
N GLN C 147 0.16 36.17 7.45
CA GLN C 147 -1.01 36.76 6.84
C GLN C 147 -1.61 35.85 5.76
N ILE C 148 -1.96 34.62 6.13
CA ILE C 148 -2.48 33.61 5.20
C ILE C 148 -3.99 33.63 5.09
N ASN C 149 -4.50 33.91 3.89
CA ASN C 149 -5.94 34.03 3.61
C ASN C 149 -6.54 33.01 2.60
N GLY C 150 -5.68 32.24 1.95
CA GLY C 150 -6.09 31.28 0.95
C GLY C 150 -5.07 30.16 0.94
N VAL C 151 -5.53 29.00 0.54
CA VAL C 151 -4.73 27.80 0.52
C VAL C 151 -4.96 27.00 -0.76
N PRO C 152 -3.97 26.26 -1.19
CA PRO C 152 -2.62 25.98 -0.67
C PRO C 152 -1.68 27.21 -0.73
N ALA C 153 -0.76 27.40 0.22
CA ALA C 153 0.18 28.54 0.15
C ALA C 153 1.48 28.10 0.71
N MET C 154 2.62 28.61 0.21
CA MET C 154 3.92 28.16 0.75
C MET C 154 4.84 29.37 0.80
N VAL C 155 5.53 29.54 1.92
CA VAL C 155 6.45 30.67 2.13
C VAL C 155 7.85 30.19 2.41
N ILE C 156 8.81 30.84 1.79
CA ILE C 156 10.19 30.42 1.84
C ILE C 156 11.07 31.46 2.53
N ASP C 157 11.96 31.00 3.41
CA ASP C 157 12.83 31.87 4.18
C ASP C 157 12.05 32.94 4.98
N GLY C 158 10.80 32.66 5.29
CA GLY C 158 9.92 33.55 6.02
C GLY C 158 9.64 34.91 5.39
N LYS C 159 10.00 35.05 4.10
CA LYS C 159 10.05 36.33 3.36
C LYS C 159 9.42 36.30 2.00
N TYR C 160 9.48 35.14 1.37
CA TYR C 160 8.98 35.00 0.04
C TYR C 160 7.78 34.06 -0.03
N LYS C 161 6.67 34.57 -0.56
CA LYS C 161 5.46 33.74 -0.78
C LYS C 161 5.36 33.22 -2.21
N MET C 162 5.37 31.91 -2.40
CA MET C 162 5.15 31.38 -3.74
C MET C 162 3.87 32.02 -4.25
N LYS C 163 3.91 32.43 -5.50
CA LYS C 163 2.75 32.96 -6.19
C LYS C 163 2.41 31.80 -7.11
N ASN C 164 1.48 30.97 -6.64
CA ASN C 164 1.21 29.68 -7.26
C ASN C 164 0.75 29.83 -8.70
N ASP C 165 0.13 30.96 -8.96
CA ASP C 165 -0.38 31.34 -10.27
C ASP C 165 0.60 32.12 -11.11
N GLY C 166 1.85 32.13 -10.68
CA GLY C 166 2.87 32.86 -11.38
C GLY C 166 3.92 31.92 -11.93
N ILE C 167 3.79 30.64 -11.59
CA ILE C 167 4.63 29.56 -12.12
C ILE C 167 3.94 28.85 -13.28
N SER C 168 4.69 28.76 -14.39
CA SER C 168 4.21 28.23 -15.66
C SER C 168 4.78 26.84 -15.93
N ALA C 169 3.97 25.97 -16.53
CA ALA C 169 4.39 24.60 -16.78
C ALA C 169 3.48 23.97 -17.81
N LYS C 170 3.99 22.98 -18.52
CA LYS C 170 3.23 22.37 -19.61
C LYS C 170 2.50 21.14 -19.15
N SER C 171 2.70 20.75 -17.89
CA SER C 171 1.96 19.65 -17.29
C SER C 171 1.93 19.79 -15.79
N PRO C 172 0.98 19.11 -15.12
CA PRO C 172 1.03 19.19 -13.66
C PRO C 172 2.34 18.67 -13.09
N GLU C 173 2.91 17.68 -13.77
CA GLU C 173 4.13 16.99 -13.37
C GLU C 173 5.31 17.94 -13.56
N GLU C 174 5.32 18.62 -14.70
CA GLU C 174 6.24 19.71 -14.99
C GLU C 174 6.03 20.86 -13.99
N TYR C 175 4.79 21.06 -13.57
CA TYR C 175 4.47 22.10 -12.63
C TYR C 175 5.15 21.80 -11.27
N ALA C 176 5.07 20.58 -10.78
CA ALA C 176 5.67 20.24 -9.49
C ALA C 176 7.18 20.35 -9.48
N LYS C 177 7.88 19.96 -10.55
CA LYS C 177 9.32 20.18 -10.58
C LYS C 177 9.66 21.64 -10.65
N ALA C 178 8.90 22.37 -11.44
CA ALA C 178 9.13 23.78 -11.60
C ALA C 178 8.90 24.55 -10.31
N TYR C 179 7.88 24.15 -9.57
CA TYR C 179 7.55 24.76 -8.31
C TYR C 179 8.75 24.53 -7.37
N SER C 180 9.24 23.30 -7.30
CA SER C 180 10.40 22.95 -6.47
C SER C 180 11.67 23.68 -6.83
N ASP C 181 11.90 23.95 -8.11
CA ASP C 181 13.06 24.72 -8.57
C ASP C 181 13.01 26.12 -8.00
N VAL C 182 11.87 26.77 -8.12
CA VAL C 182 11.72 28.14 -7.62
C VAL C 182 12.02 28.15 -6.12
N VAL C 183 11.50 27.16 -5.40
CA VAL C 183 11.68 27.07 -3.97
C VAL C 183 13.17 26.95 -3.66
N ASN C 184 13.84 26.02 -4.33
CA ASN C 184 15.27 25.74 -4.12
C ASN C 184 16.13 26.92 -4.50
N GLN C 185 15.62 27.72 -5.43
CA GLN C 185 16.30 28.92 -5.82
C GLN C 185 16.09 30.01 -4.77
N LEU C 186 14.91 30.08 -4.18
CA LEU C 186 14.65 31.04 -3.10
C LEU C 186 15.35 30.67 -1.79
N LEU C 187 15.70 29.39 -1.65
CA LEU C 187 16.41 28.93 -0.49
C LEU C 187 17.84 29.47 -0.62
N MET C 188 18.33 29.42 -1.86
CA MET C 188 19.65 29.95 -2.22
C MET C 188 19.76 31.46 -2.18
N LYS C 189 18.68 32.14 -1.79
CA LYS C 189 18.60 33.60 -1.79
C LYS C 189 18.90 34.16 -0.40
C ACE D 1 -3.25 -24.93 7.54
O ACE D 1 -3.84 -25.83 8.13
CH3 ACE D 1 -2.26 -25.30 6.50
H1 ACE D 1 -2.56 -24.89 5.56
H2 ACE D 1 -1.29 -24.91 6.79
H3 ACE D 1 -2.20 -26.38 6.43
N PRO D 2 -3.49 -23.46 7.77
CA PRO D 2 -4.44 -23.10 8.83
C PRO D 2 -5.89 -23.53 8.54
N TRP D 3 -6.12 -24.07 7.35
CA TRP D 3 -7.43 -24.64 6.94
C TRP D 3 -7.87 -25.84 7.74
N ALA D 4 -6.94 -26.33 8.55
CA ALA D 4 -7.14 -27.48 9.43
C ALA D 4 -8.31 -27.27 10.41
N THR D 5 -8.51 -26.04 10.86
CA THR D 5 -9.47 -25.73 11.92
C THR D 5 -10.32 -24.53 11.47
N CYS D 6 -11.39 -24.32 12.20
CA CYS D 6 -12.37 -23.29 11.90
C CYS D 6 -12.68 -22.57 13.21
N ASP D 7 -13.50 -21.55 13.13
CA ASP D 7 -13.94 -20.80 14.29
C ASP D 7 -15.35 -21.20 14.61
N SER D 8 -15.56 -21.70 15.82
CA SER D 8 -16.86 -22.19 16.24
C SER D 8 -17.37 -21.31 17.35
N NH2 D 9 -18.79 -21.30 17.49
HN1 NH2 D 9 -19.39 -22.01 16.95
HN2 NH2 D 9 -19.26 -20.56 18.13
C ACE E 1 -4.62 24.89 -13.33
O ACE E 1 -4.66 26.09 -13.19
CH3 ACE E 1 -3.84 24.31 -14.44
H1 ACE E 1 -3.07 23.66 -14.05
H2 ACE E 1 -3.39 25.11 -15.01
H3 ACE E 1 -4.50 23.75 -15.09
N PRO E 2 -5.23 24.01 -12.48
CA PRO E 2 -6.05 24.56 -11.38
C PRO E 2 -5.29 25.32 -10.27
N TRP E 3 -3.95 25.34 -10.34
CA TRP E 3 -3.07 26.14 -9.41
C TRP E 3 -3.26 27.61 -9.59
N ALA E 4 -3.99 27.93 -10.63
CA ALA E 4 -4.28 29.31 -10.92
C ALA E 4 -4.96 29.98 -9.72
N THR E 5 -5.79 29.23 -8.99
CA THR E 5 -6.63 29.81 -7.95
C THR E 5 -6.54 29.02 -6.63
N CYS E 6 -7.03 29.59 -5.55
CA CYS E 6 -6.91 28.97 -4.25
C CYS E 6 -8.28 29.04 -3.60
N ASP E 7 -8.41 28.42 -2.41
CA ASP E 7 -9.64 28.44 -1.64
C ASP E 7 -9.35 29.40 -0.52
N SER E 8 -10.14 30.48 -0.46
CA SER E 8 -9.90 31.53 0.53
C SER E 8 -11.00 31.68 1.52
N NH2 E 9 -10.63 32.21 2.74
HN1 NH2 E 9 -9.66 32.68 2.85
HN2 NH2 E 9 -11.30 32.17 3.58
C ACE F 1 1.60 -0.14 -11.10
O ACE F 1 1.28 -1.30 -11.09
CH3 ACE F 1 0.82 0.83 -10.30
H1 ACE F 1 1.47 1.31 -9.58
H2 ACE F 1 0.03 0.31 -9.78
H3 ACE F 1 0.39 1.59 -10.94
N PRO F 2 2.72 0.33 -11.91
CA PRO F 2 3.40 -0.67 -12.74
C PRO F 2 4.09 -1.74 -11.96
N TRP F 3 4.10 -1.62 -10.63
CA TRP F 3 4.65 -2.67 -9.77
C TRP F 3 3.85 -3.96 -9.85
N ALA F 4 2.70 -3.91 -10.51
CA ALA F 4 1.85 -5.09 -10.66
C ALA F 4 2.59 -6.26 -11.33
N THR F 5 3.46 -5.94 -12.27
CA THR F 5 4.05 -6.97 -13.10
C THR F 5 5.58 -6.81 -13.18
N CYS F 6 6.28 -7.83 -13.67
CA CYS F 6 7.73 -7.81 -13.68
C CYS F 6 8.21 -8.25 -15.04
N ASP F 7 9.51 -8.23 -15.29
CA ASP F 7 10.07 -8.70 -16.57
C ASP F 7 10.72 -10.08 -16.38
N SER F 8 10.24 -11.08 -17.10
CA SER F 8 10.73 -12.45 -16.95
C SER F 8 11.43 -12.95 -18.20
N NH2 F 9 12.54 -14.00 -18.05
HN1 NH2 F 9 12.69 -14.49 -17.10
HN2 NH2 F 9 13.18 -14.23 -18.88
S SCN G . -17.13 -20.70 2.95
C SCN G . -16.20 -19.23 2.94
N SCN G . -15.51 -18.26 3.05
S SCN H . -7.51 -20.89 5.06
C SCN H . -7.88 -20.71 6.72
N SCN H . -8.02 -20.73 7.91
S SCN I . -2.82 22.24 -8.08
C SCN I . -4.02 23.12 -7.25
N SCN I . -4.96 23.71 -6.94
S SCN J . 1.85 24.22 0.11
C SCN J . 0.59 23.14 0.56
N SCN J . -0.24 22.32 0.70
#